data_7KP1
#
_entry.id   7KP1
#
_cell.length_a   42.148
_cell.length_b   90.139
_cell.length_c   105.961
_cell.angle_alpha   90.000
_cell.angle_beta   90.000
_cell.angle_gamma   90.000
#
_symmetry.space_group_name_H-M   'P 21 21 21'
#
loop_
_entity.id
_entity.type
_entity.pdbx_description
1 polymer 'T-cell surface glycoprotein CD1a'
2 polymer Beta-2-microglobulin
3 non-polymer sphingomyelin
4 non-polymer '2-(N-MORPHOLINO)-ETHANESULFONIC ACID'
5 water water
#
loop_
_entity_poly.entity_id
_entity_poly.type
_entity_poly.pdbx_seq_one_letter_code
_entity_poly.pdbx_strand_id
1 'polypeptide(L)'
;ATGLKEPLSFHVIWIASFYNHSWKQNLVSGWLSDLQTHTWDSNSSTIVFLWPWSRGNFSNEEWKELETLFRIRTIRSFEG
IRRYAHELQFEYPFEIQVTGGCELHSGKVSGSFLQLAYQGSDFVSFQNNSWLPYPVAGNMAKHFCKVLNQNQHENDITHN
LLSDTCPRFILGLLDAGKAHLQRQVKPEAWLSHGPSPGPGHLQLVCHVSGFYPKPVWVMWMRGEQEQQGTQRGDILPSAD
GTWYLRATLEVAAGEAADLSCRVKHSSLEGQDIVLYWEGSLVPRG
;
A
2 'polypeptide(L)'
;AIQRTPKIQVYSRHPAENGKSNFLNCYVSGFHPSDIEVDLLKNGERIEKVEHSDLSFSKDWSFYLLYYTEFTPTEKDEYA
CRVNHVTLSQPKIVKWDRDMGSLVPR
;
B
#
loop_
_chem_comp.id
_chem_comp.type
_chem_comp.name
_chem_comp.formula
FO4 non-polymer sphingomyelin 'C47 H94 N2 O6 P'
MES non-polymer '2-(N-MORPHOLINO)-ETHANESULFONIC ACID' 'C6 H13 N O4 S'
#
# COMPACT_ATOMS: atom_id res chain seq x y z
N LEU A 8 13.96 1.50 3.18
CA LEU A 8 15.15 0.76 3.59
C LEU A 8 15.05 0.31 5.05
N SER A 9 15.64 -0.84 5.33
CA SER A 9 15.71 -1.40 6.68
C SER A 9 14.33 -1.60 7.30
N PHE A 10 14.09 -1.08 8.50
CA PHE A 10 12.93 -1.53 9.28
C PHE A 10 12.19 -0.37 9.95
N HIS A 11 10.86 -0.45 9.95
CA HIS A 11 10.06 0.50 10.71
C HIS A 11 8.76 -0.16 11.17
N VAL A 12 8.15 0.45 12.17
CA VAL A 12 6.89 0.01 12.75
C VAL A 12 5.87 1.12 12.57
N ILE A 13 4.62 0.77 12.27
CA ILE A 13 3.58 1.79 12.18
C ILE A 13 2.46 1.47 13.15
N TRP A 14 1.81 2.53 13.60
CA TRP A 14 0.80 2.50 14.65
C TRP A 14 -0.36 3.36 14.14
N ILE A 15 -1.55 2.78 14.12
CA ILE A 15 -2.76 3.47 13.69
C ILE A 15 -3.75 3.41 14.84
N ALA A 16 -3.95 4.54 15.52
CA ALA A 16 -4.85 4.61 16.68
C ALA A 16 -6.00 5.54 16.34
N SER A 17 -7.21 4.99 16.33
CA SER A 17 -8.42 5.72 15.99
C SER A 17 -9.22 5.92 17.26
N PHE A 18 -9.46 7.18 17.62
CA PHE A 18 -10.25 7.54 18.81
C PHE A 18 -11.60 8.05 18.32
N TYR A 19 -12.58 7.16 18.25
CA TYR A 19 -13.89 7.50 17.70
C TYR A 19 -14.71 8.35 18.67
N ASN A 20 -14.83 7.91 19.92
CA ASN A 20 -15.33 8.73 21.01
C ASN A 20 -14.50 8.38 22.24
N HIS A 21 -14.83 9.02 23.37
CA HIS A 21 -14.06 8.76 24.58
C HIS A 21 -14.13 7.30 25.01
N SER A 22 -15.16 6.56 24.61
CA SER A 22 -15.33 5.18 25.06
C SER A 22 -15.16 4.18 23.93
N TRP A 23 -14.60 4.57 22.80
CA TRP A 23 -14.46 3.65 21.68
C TRP A 23 -13.21 3.98 20.88
N LYS A 24 -12.42 2.95 20.58
CA LYS A 24 -11.16 3.13 19.87
C LYS A 24 -10.86 1.90 19.04
N GLN A 25 -9.85 2.01 18.19
CA GLN A 25 -9.30 0.91 17.42
C GLN A 25 -7.80 1.13 17.31
N ASN A 26 -7.03 0.05 17.35
CA ASN A 26 -5.58 0.12 17.42
C ASN A 26 -4.99 -0.92 16.48
N LEU A 27 -4.18 -0.47 15.52
CA LEU A 27 -3.55 -1.35 14.54
C LEU A 27 -2.05 -1.07 14.51
N VAL A 28 -1.25 -2.14 14.58
CA VAL A 28 0.21 -2.04 14.63
C VAL A 28 0.81 -3.07 13.67
N SER A 29 1.83 -2.67 12.92
CA SER A 29 2.47 -3.59 12.00
C SER A 29 3.93 -3.20 11.79
N GLY A 30 4.75 -4.20 11.45
CA GLY A 30 6.17 -4.01 11.22
C GLY A 30 6.53 -4.22 9.77
N TRP A 31 7.48 -3.42 9.26
CA TRP A 31 7.81 -3.41 7.84
C TRP A 31 9.31 -3.48 7.62
N LEU A 32 9.74 -4.41 6.76
CA LEU A 32 11.13 -4.54 6.35
C LEU A 32 11.23 -4.01 4.93
N SER A 33 11.96 -2.91 4.76
CA SER A 33 11.87 -2.10 3.54
C SER A 33 10.41 -1.75 3.27
N ASP A 34 9.82 -2.38 2.26
CA ASP A 34 8.42 -2.16 1.90
C ASP A 34 7.58 -3.41 2.11
N LEU A 35 8.15 -4.43 2.72
CA LEU A 35 7.49 -5.71 2.94
C LEU A 35 6.96 -5.76 4.37
N GLN A 36 5.70 -6.17 4.53
CA GLN A 36 5.15 -6.35 5.88
C GLN A 36 5.71 -7.62 6.48
N THR A 37 6.17 -7.53 7.74
CA THR A 37 6.80 -8.64 8.41
C THR A 37 6.16 -9.03 9.73
N HIS A 38 5.37 -8.14 10.35
CA HIS A 38 4.73 -8.44 11.62
C HIS A 38 3.39 -7.74 11.69
N THR A 39 2.52 -8.29 12.52
CA THR A 39 1.28 -7.65 12.89
C THR A 39 1.08 -7.77 14.39
N TRP A 40 0.33 -6.84 14.95
CA TRP A 40 -0.08 -6.90 16.35
C TRP A 40 -1.52 -7.40 16.43
N ASP A 41 -1.74 -8.40 17.27
CA ASP A 41 -3.08 -8.90 17.56
C ASP A 41 -3.46 -8.37 18.94
N SER A 42 -4.17 -7.24 18.95
CA SER A 42 -4.52 -6.58 20.21
C SER A 42 -5.53 -7.38 21.02
N ASN A 43 -6.23 -8.32 20.38
CA ASN A 43 -7.07 -9.25 21.14
C ASN A 43 -6.23 -10.09 22.10
N SER A 44 -5.13 -10.67 21.61
CA SER A 44 -4.24 -11.47 22.43
C SER A 44 -3.07 -10.67 22.98
N SER A 45 -2.87 -9.44 22.52
CA SER A 45 -1.65 -8.67 22.82
C SER A 45 -0.42 -9.48 22.42
N THR A 46 -0.40 -9.92 21.16
CA THR A 46 0.63 -10.79 20.62
C THR A 46 1.22 -10.19 19.36
N ILE A 47 2.54 -10.27 19.24
CA ILE A 47 3.22 -9.95 17.98
C ILE A 47 3.13 -11.15 17.06
N VAL A 48 2.56 -10.95 15.88
CA VAL A 48 2.33 -12.02 14.91
C VAL A 48 3.43 -11.96 13.86
N PHE A 49 4.01 -13.12 13.54
CA PHE A 49 5.12 -13.21 12.60
C PHE A 49 4.59 -13.69 11.25
N LEU A 50 4.63 -12.79 10.25
CA LEU A 50 4.08 -13.09 8.93
C LEU A 50 4.99 -14.00 8.11
N TRP A 51 6.27 -14.07 8.46
CA TRP A 51 7.19 -15.00 7.83
C TRP A 51 7.95 -15.76 8.91
N PRO A 52 8.42 -16.97 8.62
CA PRO A 52 9.24 -17.69 9.62
C PRO A 52 10.48 -16.90 10.02
N TRP A 53 11.10 -16.20 9.08
CA TRP A 53 12.30 -15.42 9.38
C TRP A 53 12.00 -14.06 10.00
N SER A 54 10.74 -13.67 10.15
CA SER A 54 10.46 -12.39 10.78
C SER A 54 10.73 -12.41 12.29
N ARG A 55 11.04 -13.58 12.86
CA ARG A 55 11.50 -13.65 14.24
C ARG A 55 12.96 -13.25 14.39
N GLY A 56 13.74 -13.35 13.32
CA GLY A 56 15.18 -13.19 13.45
C GLY A 56 15.77 -14.33 14.26
N ASN A 57 16.92 -14.05 14.88
CA ASN A 57 17.53 -14.98 15.81
C ASN A 57 17.13 -14.69 17.26
N PHE A 58 16.17 -13.79 17.46
CA PHE A 58 15.81 -13.37 18.80
C PHE A 58 15.13 -14.50 19.57
N SER A 59 15.56 -14.71 20.81
CA SER A 59 15.05 -15.79 21.63
C SER A 59 13.55 -15.65 21.83
N ASN A 60 12.90 -16.79 22.07
CA ASN A 60 11.46 -16.82 22.31
C ASN A 60 11.06 -15.88 23.44
N GLU A 61 11.87 -15.85 24.51
CA GLU A 61 11.53 -15.05 25.68
C GLU A 61 11.88 -13.58 25.52
N GLU A 62 12.78 -13.22 24.60
CA GLU A 62 13.01 -11.81 24.31
C GLU A 62 11.82 -11.17 23.61
N TRP A 63 11.04 -11.98 22.89
CA TRP A 63 9.83 -11.47 22.27
C TRP A 63 8.75 -11.20 23.30
N LYS A 64 8.66 -12.04 24.33
CA LYS A 64 7.65 -11.85 25.37
C LYS A 64 7.88 -10.54 26.12
N GLU A 65 9.14 -10.16 26.34
CA GLU A 65 9.43 -8.88 26.98
C GLU A 65 9.04 -7.72 26.07
N LEU A 66 9.37 -7.80 24.78
CA LEU A 66 8.95 -6.75 23.86
C LEU A 66 7.44 -6.65 23.81
N GLU A 67 6.75 -7.80 23.85
CA GLU A 67 5.28 -7.79 23.86
C GLU A 67 4.74 -7.07 25.07
N THR A 68 5.25 -7.39 26.26
CA THR A 68 4.78 -6.72 27.48
C THR A 68 5.07 -5.23 27.42
N LEU A 69 6.25 -4.84 26.92
CA LEU A 69 6.55 -3.42 26.77
C LEU A 69 5.59 -2.76 25.79
N PHE A 70 5.42 -3.35 24.60
CA PHE A 70 4.42 -2.86 23.66
C PHE A 70 3.05 -2.74 24.31
N ARG A 71 2.59 -3.81 24.97
CA ARG A 71 1.24 -3.82 25.53
C ARG A 71 1.07 -2.74 26.58
N ILE A 72 2.07 -2.56 27.46
CA ILE A 72 1.96 -1.55 28.51
C ILE A 72 2.03 -0.15 27.92
N ARG A 73 2.90 0.05 26.93
CA ARG A 73 3.03 1.37 26.32
C ARG A 73 1.79 1.75 25.53
N THR A 74 1.05 0.75 25.01
CA THR A 74 -0.16 1.05 24.27
C THR A 74 -1.30 1.44 25.21
N ILE A 75 -1.46 0.73 26.33
CA ILE A 75 -2.58 1.03 27.22
C ILE A 75 -2.35 2.35 27.95
N ARG A 76 -1.10 2.66 28.28
CA ARG A 76 -0.81 3.98 28.84
C ARG A 76 -0.96 5.07 27.78
N SER A 77 -0.73 4.73 26.50
CA SER A 77 -0.89 5.71 25.44
C SER A 77 -2.34 6.10 25.24
N PHE A 78 -3.24 5.11 25.14
CA PHE A 78 -4.66 5.39 24.94
C PHE A 78 -5.24 6.13 26.14
N GLU A 79 -4.78 5.80 27.34
CA GLU A 79 -5.33 6.45 28.53
C GLU A 79 -4.76 7.85 28.70
N GLY A 80 -3.48 8.04 28.32
CA GLY A 80 -2.89 9.36 28.41
C GLY A 80 -3.52 10.33 27.42
N ILE A 81 -3.77 9.85 26.20
CA ILE A 81 -4.40 10.68 25.17
C ILE A 81 -5.83 11.05 25.57
N ARG A 82 -6.57 10.10 26.14
CA ARG A 82 -7.93 10.40 26.54
C ARG A 82 -7.97 11.28 27.79
N ARG A 83 -6.98 11.17 28.67
CA ARG A 83 -6.93 12.02 29.86
C ARG A 83 -6.67 13.48 29.46
N TYR A 84 -5.81 13.71 28.48
CA TYR A 84 -5.40 15.05 28.12
C TYR A 84 -6.05 15.54 26.83
N ALA A 85 -7.01 14.79 26.27
CA ALA A 85 -7.62 15.15 25.00
C ALA A 85 -8.14 16.59 25.03
N HIS A 86 -8.93 16.95 26.04
CA HIS A 86 -9.47 18.30 26.06
C HIS A 86 -8.37 19.34 26.27
N GLU A 87 -7.37 19.01 27.10
CA GLU A 87 -6.23 19.89 27.25
C GLU A 87 -5.57 20.17 25.90
N LEU A 88 -5.36 19.13 25.12
CA LEU A 88 -4.69 19.23 23.82
C LEU A 88 -5.64 19.68 22.72
N GLN A 89 -6.90 19.92 23.04
CA GLN A 89 -7.92 20.32 22.07
C GLN A 89 -8.14 19.23 21.02
N PHE A 90 -7.95 17.97 21.40
CA PHE A 90 -8.29 16.86 20.52
C PHE A 90 -9.79 16.64 20.55
N GLU A 91 -10.45 16.82 19.42
CA GLU A 91 -11.90 16.63 19.33
C GLU A 91 -12.20 15.29 18.69
N TYR A 92 -13.04 14.50 19.34
CA TYR A 92 -13.46 13.23 18.78
C TYR A 92 -14.36 13.47 17.57
N PRO A 93 -14.29 12.61 16.55
CA PRO A 93 -13.31 11.52 16.41
C PRO A 93 -11.98 12.01 15.85
N PHE A 94 -10.86 11.39 16.23
CA PHE A 94 -9.57 11.79 15.66
C PHE A 94 -8.69 10.55 15.56
N GLU A 95 -7.66 10.65 14.70
CA GLU A 95 -6.75 9.56 14.42
C GLU A 95 -5.33 9.99 14.71
N ILE A 96 -4.57 9.12 15.36
CA ILE A 96 -3.15 9.36 15.61
C ILE A 96 -2.38 8.27 14.89
N GLN A 97 -1.40 8.68 14.08
CA GLN A 97 -0.54 7.75 13.37
C GLN A 97 0.90 7.97 13.80
N VAL A 98 1.64 6.87 13.94
CA VAL A 98 3.04 6.90 14.32
C VAL A 98 3.81 6.00 13.37
N THR A 99 4.99 6.43 12.96
CA THR A 99 5.93 5.54 12.28
C THR A 99 7.30 5.76 12.86
N GLY A 100 7.98 4.68 13.20
CA GLY A 100 9.32 4.77 13.75
C GLY A 100 10.12 3.57 13.34
N GLY A 101 11.43 3.76 13.20
CA GLY A 101 12.28 2.71 12.70
C GLY A 101 13.69 3.21 12.56
N CYS A 102 14.46 2.51 11.74
CA CYS A 102 15.89 2.79 11.67
C CYS A 102 16.44 2.27 10.36
N GLU A 103 17.72 2.59 10.13
CA GLU A 103 18.54 2.04 9.07
C GLU A 103 19.86 1.57 9.69
N LEU A 104 20.69 0.92 8.88
CA LEU A 104 21.98 0.46 9.38
C LEU A 104 22.98 0.43 8.24
N HIS A 105 24.25 0.61 8.60
CA HIS A 105 25.36 0.56 7.65
C HIS A 105 26.68 0.46 8.38
N SER A 110 23.08 4.30 7.91
CA SER A 110 22.51 4.34 9.26
C SER A 110 21.53 5.51 9.42
N GLY A 111 20.74 5.46 10.48
CA GLY A 111 19.73 6.48 10.73
C GLY A 111 18.61 5.90 11.56
N SER A 112 17.73 6.79 12.01
CA SER A 112 16.61 6.39 12.84
C SER A 112 15.62 7.54 12.91
N PHE A 113 14.36 7.21 13.21
CA PHE A 113 13.29 8.20 13.13
C PHE A 113 12.09 7.70 13.92
N LEU A 114 11.26 8.67 14.31
CA LEU A 114 10.01 8.39 15.02
C LEU A 114 9.15 9.63 14.89
N GLN A 115 8.03 9.51 14.17
CA GLN A 115 7.19 10.65 13.82
C GLN A 115 5.74 10.33 14.15
N LEU A 116 5.01 11.34 14.62
CA LEU A 116 3.63 11.19 15.04
C LEU A 116 2.78 12.23 14.33
N ALA A 117 1.63 11.82 13.83
CA ALA A 117 0.70 12.71 13.15
C ALA A 117 -0.63 12.71 13.88
N TYR A 118 -1.30 13.86 13.86
CA TYR A 118 -2.64 14.03 14.39
C TYR A 118 -3.53 14.47 13.23
N GLN A 119 -4.62 13.75 13.02
CA GLN A 119 -5.54 14.03 11.91
C GLN A 119 -4.82 14.09 10.55
N GLY A 120 -3.82 13.22 10.36
CA GLY A 120 -3.17 13.09 9.07
C GLY A 120 -2.18 14.17 8.71
N SER A 121 -1.70 14.95 9.69
CA SER A 121 -0.69 15.96 9.45
C SER A 121 0.41 15.83 10.48
N ASP A 122 1.64 16.19 10.06
CA ASP A 122 2.79 16.19 10.96
C ASP A 122 2.41 16.88 12.27
N PHE A 123 2.75 16.25 13.39
CA PHE A 123 2.41 16.83 14.68
C PHE A 123 3.65 16.96 15.57
N VAL A 124 4.24 15.84 15.97
CA VAL A 124 5.46 15.82 16.79
C VAL A 124 6.39 14.74 16.25
N SER A 125 7.64 14.79 16.69
CA SER A 125 8.60 13.76 16.35
C SER A 125 9.67 13.70 17.45
N PHE A 126 10.37 12.56 17.49
CA PHE A 126 11.35 12.25 18.52
C PHE A 126 12.73 12.44 17.92
N GLN A 127 13.52 13.33 18.50
CA GLN A 127 14.84 13.66 17.99
C GLN A 127 15.87 13.46 19.09
N ASN A 128 16.83 12.57 18.84
CA ASN A 128 17.85 12.20 19.81
C ASN A 128 17.22 11.67 21.10
N ASN A 129 16.74 12.57 21.96
CA ASN A 129 16.41 12.22 23.32
C ASN A 129 15.07 12.75 23.82
N SER A 130 14.32 13.47 22.99
CA SER A 130 13.07 14.05 23.45
C SER A 130 12.17 14.30 22.26
N TRP A 131 10.90 14.55 22.56
CA TRP A 131 9.91 14.87 21.55
C TRP A 131 9.94 16.36 21.27
N LEU A 132 9.92 16.72 19.99
CA LEU A 132 9.84 18.11 19.57
C LEU A 132 8.61 18.31 18.70
N PRO A 133 7.96 19.47 18.80
CA PRO A 133 6.81 19.74 17.94
C PRO A 133 7.25 20.19 16.56
N TYR A 134 6.48 19.82 15.55
CA TYR A 134 6.64 20.46 14.24
C TYR A 134 6.16 21.90 14.35
N PRO A 135 6.94 22.88 13.89
CA PRO A 135 6.56 24.29 14.11
C PRO A 135 5.15 24.64 13.65
N VAL A 136 4.70 24.10 12.50
CA VAL A 136 3.39 24.46 12.00
C VAL A 136 2.27 23.93 12.88
N ALA A 137 2.52 22.87 13.65
CA ALA A 137 1.43 22.25 14.41
C ALA A 137 0.94 23.11 15.56
N GLY A 138 1.68 24.15 15.94
CA GLY A 138 1.17 25.15 16.85
C GLY A 138 1.31 24.79 18.32
N ASN A 139 0.48 25.45 19.13
CA ASN A 139 0.59 25.34 20.58
C ASN A 139 0.19 23.97 21.08
N MET A 140 -0.75 23.30 20.42
CA MET A 140 -1.17 22.00 20.90
C MET A 140 -0.05 20.97 20.78
N ALA A 141 0.80 21.10 19.76
CA ALA A 141 1.91 20.15 19.64
C ALA A 141 2.93 20.37 20.74
N LYS A 142 3.17 21.62 21.11
CA LYS A 142 4.05 21.95 22.22
C LYS A 142 3.50 21.41 23.54
N HIS A 143 2.20 21.54 23.76
CA HIS A 143 1.58 20.99 24.96
C HIS A 143 1.64 19.47 24.96
N PHE A 144 1.48 18.84 23.79
CA PHE A 144 1.60 17.38 23.71
C PHE A 144 3.02 16.94 24.07
N CYS A 145 4.03 17.67 23.62
CA CYS A 145 5.41 17.32 23.96
C CYS A 145 5.69 17.46 25.45
N LYS A 146 4.95 18.33 26.14
CA LYS A 146 5.08 18.40 27.59
C LYS A 146 4.72 17.08 28.23
N VAL A 147 3.61 16.48 27.81
CA VAL A 147 3.20 15.19 28.35
C VAL A 147 4.15 14.08 27.90
N LEU A 148 4.55 14.10 26.62
CA LEU A 148 5.43 13.05 26.10
C LEU A 148 6.79 13.06 26.77
N ASN A 149 7.31 14.24 27.12
CA ASN A 149 8.58 14.39 27.78
C ASN A 149 8.47 14.44 29.30
N GLN A 150 7.32 14.03 29.84
CA GLN A 150 7.13 14.01 31.29
C GLN A 150 8.25 13.26 31.99
N ASN A 151 8.53 12.05 31.51
CA ASN A 151 9.46 11.13 32.16
C ASN A 151 10.65 10.92 31.24
N GLN A 152 11.83 11.40 31.67
CA GLN A 152 13.01 11.29 30.82
C GLN A 152 13.44 9.84 30.64
N HIS A 153 13.25 9.00 31.67
CA HIS A 153 13.62 7.59 31.55
C HIS A 153 12.84 6.92 30.43
N GLU A 154 11.53 7.16 30.36
CA GLU A 154 10.74 6.64 29.24
C GLU A 154 11.30 7.11 27.91
N ASN A 155 11.82 8.35 27.87
CA ASN A 155 12.41 8.85 26.63
C ASN A 155 13.71 8.13 26.31
N ASP A 156 14.55 7.89 27.32
CA ASP A 156 15.77 7.11 27.11
C ASP A 156 15.46 5.72 26.58
N ILE A 157 14.38 5.12 27.08
CA ILE A 157 13.95 3.81 26.56
C ILE A 157 13.55 3.93 25.10
N THR A 158 12.83 4.99 24.75
CA THR A 158 12.45 5.20 23.34
C THR A 158 13.69 5.41 22.48
N HIS A 159 14.67 6.16 22.98
CA HIS A 159 15.92 6.32 22.27
C HIS A 159 16.59 4.98 22.02
N ASN A 160 16.65 4.14 23.05
CA ASN A 160 17.35 2.87 22.94
C ASN A 160 16.64 1.91 22.00
N LEU A 161 15.31 1.98 21.91
CA LEU A 161 14.61 1.14 20.94
C LEU A 161 15.02 1.50 19.52
N LEU A 162 15.22 2.80 19.25
CA LEU A 162 15.53 3.25 17.89
C LEU A 162 17.00 3.08 17.54
N SER A 163 17.90 3.35 18.48
CA SER A 163 19.33 3.34 18.19
C SER A 163 20.03 2.05 18.55
N ASP A 164 19.38 1.19 19.33
CA ASP A 164 19.98 -0.06 19.80
C ASP A 164 19.15 -1.25 19.35
N THR A 165 17.90 -1.36 19.83
CA THR A 165 17.09 -2.54 19.51
C THR A 165 16.82 -2.64 18.02
N CYS A 166 16.54 -1.50 17.35
CA CYS A 166 16.11 -1.58 15.96
C CYS A 166 17.22 -2.01 15.01
N PRO A 167 18.44 -1.43 15.05
CA PRO A 167 19.53 -2.01 14.24
C PRO A 167 19.83 -3.46 14.59
N ARG A 168 19.79 -3.81 15.88
CA ARG A 168 19.91 -5.20 16.30
C ARG A 168 18.96 -6.09 15.52
N PHE A 169 17.73 -5.62 15.32
CA PHE A 169 16.69 -6.47 14.74
C PHE A 169 16.98 -6.78 13.29
N ILE A 170 17.36 -5.77 12.51
CA ILE A 170 17.80 -6.00 11.14
C ILE A 170 18.98 -6.97 11.12
N LEU A 171 19.90 -6.83 12.07
CA LEU A 171 21.12 -7.63 12.08
C LEU A 171 20.85 -9.14 12.09
N GLY A 172 19.64 -9.55 12.50
CA GLY A 172 19.28 -10.95 12.45
C GLY A 172 18.09 -11.20 11.53
N LEU A 173 17.71 -10.17 10.79
CA LEU A 173 16.53 -10.23 9.92
C LEU A 173 16.88 -10.06 8.46
N LEU A 174 17.50 -8.94 8.08
CA LEU A 174 17.83 -8.72 6.67
C LEU A 174 18.74 -9.81 6.12
N ASP A 175 19.69 -10.27 6.92
CA ASP A 175 20.48 -11.44 6.52
C ASP A 175 19.59 -12.66 6.41
N ALA A 176 18.79 -12.92 7.45
CA ALA A 176 17.98 -14.14 7.49
C ALA A 176 16.91 -14.17 6.41
N GLY A 177 16.55 -13.02 5.84
CA GLY A 177 15.46 -12.99 4.89
C GLY A 177 15.74 -12.22 3.61
N LYS A 178 17.00 -11.81 3.39
CA LYS A 178 17.33 -11.18 2.11
C LYS A 178 17.02 -12.09 0.94
N ALA A 179 17.07 -13.40 1.16
CA ALA A 179 16.64 -14.35 0.13
C ALA A 179 15.23 -14.04 -0.36
N HIS A 180 14.39 -13.46 0.50
CA HIS A 180 13.07 -13.04 0.05
C HIS A 180 13.15 -11.71 -0.70
N LEU A 181 13.82 -10.71 -0.12
CA LEU A 181 13.90 -9.40 -0.73
C LEU A 181 14.70 -9.40 -2.04
N GLN A 182 15.54 -10.40 -2.27
CA GLN A 182 16.39 -10.43 -3.45
C GLN A 182 15.93 -11.44 -4.49
N ARG A 183 14.82 -12.14 -4.26
CA ARG A 183 14.30 -13.06 -5.25
C ARG A 183 13.89 -12.30 -6.51
N GLN A 184 13.90 -13.00 -7.64
CA GLN A 184 13.58 -12.42 -8.94
C GLN A 184 12.39 -13.16 -9.52
N VAL A 185 11.31 -12.44 -9.81
CA VAL A 185 10.07 -13.02 -10.32
C VAL A 185 9.75 -12.32 -11.64
N LYS A 186 9.69 -13.09 -12.72
CA LYS A 186 9.51 -12.52 -14.04
C LYS A 186 8.10 -11.96 -14.21
N PRO A 187 7.96 -10.82 -14.89
CA PRO A 187 6.61 -10.31 -15.18
C PRO A 187 5.96 -11.07 -16.31
N GLU A 188 4.65 -10.88 -16.42
CA GLU A 188 3.92 -11.15 -17.64
C GLU A 188 3.27 -9.85 -18.09
N ALA A 189 2.93 -9.77 -19.38
CA ALA A 189 2.35 -8.53 -19.87
C ALA A 189 1.19 -8.86 -20.81
N TRP A 190 0.31 -7.89 -21.01
CA TRP A 190 -0.75 -8.08 -21.99
C TRP A 190 -1.28 -6.72 -22.39
N LEU A 191 -2.00 -6.70 -23.52
CA LEU A 191 -2.46 -5.45 -24.12
C LEU A 191 -3.97 -5.42 -24.11
N SER A 192 -4.54 -4.21 -24.00
CA SER A 192 -5.98 -4.03 -24.06
C SER A 192 -6.30 -2.64 -24.59
N HIS A 193 -7.57 -2.42 -24.91
CA HIS A 193 -8.05 -1.11 -25.32
C HIS A 193 -8.33 -0.26 -24.09
N GLY A 194 -7.86 0.98 -24.10
CA GLY A 194 -8.16 1.91 -23.05
C GLY A 194 -9.57 2.45 -23.18
N PRO A 195 -10.19 2.77 -22.05
CA PRO A 195 -11.63 3.06 -22.04
C PRO A 195 -11.94 4.51 -22.35
N SER A 196 -10.97 5.40 -22.17
CA SER A 196 -11.18 6.84 -22.34
C SER A 196 -10.26 7.38 -23.44
N PRO A 197 -10.55 7.07 -24.70
CA PRO A 197 -9.91 7.81 -25.80
C PRO A 197 -10.70 9.06 -26.14
N GLY A 198 -9.99 10.04 -26.70
CA GLY A 198 -10.65 11.19 -27.28
C GLY A 198 -11.19 10.89 -28.66
N PRO A 199 -11.93 11.85 -29.22
CA PRO A 199 -12.59 11.61 -30.51
C PRO A 199 -11.61 11.30 -31.63
N GLY A 200 -11.84 10.19 -32.32
CA GLY A 200 -10.98 9.77 -33.42
C GLY A 200 -9.66 9.15 -33.01
N HIS A 201 -9.44 8.95 -31.71
CA HIS A 201 -8.18 8.42 -31.20
C HIS A 201 -8.45 7.14 -30.41
N LEU A 202 -7.37 6.43 -30.11
CA LEU A 202 -7.41 5.23 -29.29
C LEU A 202 -6.50 5.39 -28.09
N GLN A 203 -6.85 4.73 -27.00
CA GLN A 203 -5.92 4.54 -25.89
C GLN A 203 -5.47 3.09 -25.89
N LEU A 204 -4.17 2.87 -26.01
CA LEU A 204 -3.59 1.54 -25.98
C LEU A 204 -3.05 1.31 -24.58
N VAL A 205 -3.34 0.14 -24.00
CA VAL A 205 -2.96 -0.12 -22.61
C VAL A 205 -2.03 -1.32 -22.57
N CYS A 206 -0.87 -1.14 -21.96
CA CYS A 206 0.07 -2.25 -21.74
C CYS A 206 0.09 -2.58 -20.25
N HIS A 207 -0.38 -3.77 -19.91
CA HIS A 207 -0.44 -4.22 -18.52
C HIS A 207 0.82 -5.01 -18.20
N VAL A 208 1.46 -4.72 -17.07
CA VAL A 208 2.60 -5.52 -16.64
C VAL A 208 2.34 -6.01 -15.24
N SER A 209 2.46 -7.33 -15.02
CA SER A 209 1.97 -7.95 -13.80
C SER A 209 2.94 -9.01 -13.32
N GLY A 210 2.99 -9.21 -12.00
CA GLY A 210 3.68 -10.36 -11.47
C GLY A 210 5.17 -10.21 -11.27
N PHE A 211 5.71 -8.99 -11.39
CA PHE A 211 7.16 -8.81 -11.30
C PHE A 211 7.59 -8.49 -9.88
N TYR A 212 8.84 -8.86 -9.58
CA TYR A 212 9.48 -8.56 -8.31
C TYR A 212 10.97 -8.72 -8.54
N PRO A 213 11.82 -7.81 -8.05
CA PRO A 213 11.49 -6.62 -7.26
C PRO A 213 10.77 -5.52 -8.05
N LYS A 214 10.56 -4.38 -7.40
CA LYS A 214 9.72 -3.29 -7.89
C LYS A 214 10.24 -2.56 -9.14
N PRO A 215 11.55 -2.26 -9.25
CA PRO A 215 12.00 -1.44 -10.39
C PRO A 215 11.70 -2.14 -11.72
N VAL A 216 11.13 -1.39 -12.66
CA VAL A 216 10.70 -1.96 -13.94
C VAL A 216 10.71 -0.84 -14.99
N TRP A 217 10.88 -1.23 -16.25
CA TRP A 217 10.90 -0.34 -17.41
C TRP A 217 9.84 -0.81 -18.40
N VAL A 218 9.00 0.09 -18.86
CA VAL A 218 7.96 -0.26 -19.83
C VAL A 218 7.67 0.94 -20.72
N MET A 219 7.64 0.71 -22.03
CA MET A 219 7.44 1.78 -23.01
C MET A 219 6.67 1.23 -24.20
N TRP A 220 5.74 2.02 -24.71
CA TRP A 220 5.25 1.79 -26.06
C TRP A 220 6.33 2.23 -27.03
N MET A 221 6.52 1.43 -28.09
CA MET A 221 7.57 1.63 -29.08
C MET A 221 6.99 1.61 -30.48
N ARG A 222 7.70 2.27 -31.41
CA ARG A 222 7.57 1.95 -32.83
C ARG A 222 8.95 1.47 -33.27
N GLY A 223 9.12 0.15 -33.29
CA GLY A 223 10.42 -0.43 -33.54
C GLY A 223 11.36 -0.06 -32.40
N GLU A 224 12.45 0.61 -32.72
CA GLU A 224 13.42 1.04 -31.72
C GLU A 224 13.09 2.42 -31.12
N GLN A 225 12.09 3.12 -31.64
CA GLN A 225 11.76 4.47 -31.20
C GLN A 225 10.78 4.41 -30.04
N GLU A 226 11.26 4.78 -28.85
CA GLU A 226 10.33 4.91 -27.72
C GLU A 226 9.29 5.96 -28.03
N GLN A 227 8.03 5.66 -27.73
CA GLN A 227 6.93 6.60 -27.92
C GLN A 227 6.80 7.44 -26.66
N GLN A 228 7.19 8.71 -26.73
CA GLN A 228 7.25 9.53 -25.51
C GLN A 228 5.86 9.91 -24.98
N GLY A 229 4.79 9.59 -25.71
CA GLY A 229 3.47 9.72 -25.14
C GLY A 229 3.11 8.64 -24.13
N THR A 230 4.00 7.67 -23.88
CA THR A 230 3.69 6.60 -22.94
C THR A 230 3.46 7.19 -21.55
N GLN A 231 2.26 6.95 -21.00
CA GLN A 231 1.89 7.43 -19.67
C GLN A 231 1.85 6.24 -18.74
N ARG A 232 2.82 6.18 -17.84
CA ARG A 232 2.98 5.07 -16.92
C ARG A 232 2.18 5.35 -15.65
N GLY A 233 1.39 4.38 -15.20
CA GLY A 233 0.62 4.55 -13.98
C GLY A 233 1.46 4.33 -12.73
N ASP A 234 0.78 4.38 -11.57
CA ASP A 234 1.40 3.95 -10.33
C ASP A 234 1.69 2.45 -10.37
N ILE A 235 2.75 2.05 -9.69
CA ILE A 235 2.98 0.62 -9.45
C ILE A 235 2.06 0.20 -8.31
N LEU A 236 1.25 -0.82 -8.56
CA LEU A 236 0.19 -1.25 -7.66
C LEU A 236 0.47 -2.64 -7.12
N PRO A 237 0.06 -2.94 -5.90
CA PRO A 237 0.42 -4.22 -5.30
C PRO A 237 -0.50 -5.35 -5.75
N SER A 238 0.07 -6.54 -5.81
CA SER A 238 -0.71 -7.76 -5.96
C SER A 238 -0.78 -8.47 -4.63
N ALA A 239 -1.81 -9.31 -4.49
CA ALA A 239 -2.00 -10.05 -3.25
C ALA A 239 -0.86 -11.03 -2.95
N ASP A 240 -0.09 -11.44 -3.96
CA ASP A 240 0.98 -12.40 -3.70
C ASP A 240 2.34 -11.74 -3.45
N GLY A 241 2.36 -10.41 -3.29
CA GLY A 241 3.60 -9.70 -3.08
C GLY A 241 4.27 -9.18 -4.33
N THR A 242 3.81 -9.54 -5.52
CA THR A 242 4.37 -8.97 -6.74
C THR A 242 3.68 -7.64 -7.05
N TRP A 243 4.11 -7.00 -8.13
CA TRP A 243 3.71 -5.65 -8.49
C TRP A 243 3.02 -5.64 -9.85
N TYR A 244 2.28 -4.56 -10.08
CA TYR A 244 1.49 -4.36 -11.28
C TYR A 244 1.64 -2.91 -11.74
N LEU A 245 1.59 -2.69 -13.05
CA LEU A 245 1.72 -1.38 -13.66
C LEU A 245 0.95 -1.37 -14.96
N ARG A 246 0.26 -0.26 -15.25
CA ARG A 246 -0.37 0.01 -16.54
C ARG A 246 0.36 1.16 -17.23
N ALA A 247 0.64 1.01 -18.52
CA ALA A 247 1.27 2.07 -19.31
C ALA A 247 0.42 2.31 -20.54
N THR A 248 -0.08 3.54 -20.70
CA THR A 248 -1.05 3.80 -21.75
C THR A 248 -0.47 4.75 -22.80
N LEU A 249 -1.03 4.67 -24.00
CA LEU A 249 -0.60 5.53 -25.11
C LEU A 249 -1.84 5.96 -25.88
N GLU A 250 -1.98 7.27 -26.09
CA GLU A 250 -3.03 7.82 -26.92
C GLU A 250 -2.49 7.96 -28.33
N VAL A 251 -3.25 7.45 -29.31
CA VAL A 251 -2.83 7.44 -30.72
C VAL A 251 -4.03 7.73 -31.59
N ALA A 252 -3.75 8.30 -32.77
CA ALA A 252 -4.78 8.45 -33.78
C ALA A 252 -5.13 7.10 -34.38
N ALA A 253 -6.42 6.89 -34.65
CA ALA A 253 -6.86 5.60 -35.18
C ALA A 253 -6.23 5.36 -36.53
N GLY A 254 -5.86 4.10 -36.78
CA GLY A 254 -5.11 3.74 -37.96
C GLY A 254 -3.62 3.93 -37.79
N GLU A 255 -3.23 4.83 -36.90
CA GLU A 255 -1.82 5.09 -36.62
C GLU A 255 -1.27 4.19 -35.52
N ALA A 256 -2.06 3.21 -35.07
CA ALA A 256 -1.62 2.22 -34.09
C ALA A 256 -0.90 1.04 -34.75
N ALA A 257 -0.69 1.10 -36.06
CA ALA A 257 0.05 0.06 -36.75
C ALA A 257 1.53 0.11 -36.36
N ASP A 258 2.13 -1.07 -36.26
CA ASP A 258 3.53 -1.29 -35.92
C ASP A 258 3.86 -0.91 -34.49
N LEU A 259 2.87 -0.67 -33.63
CA LEU A 259 3.15 -0.34 -32.25
C LEU A 259 3.34 -1.62 -31.44
N SER A 260 4.24 -1.54 -30.47
CA SER A 260 4.56 -2.65 -29.59
C SER A 260 4.81 -2.10 -28.19
N CYS A 261 4.55 -2.93 -27.18
CA CYS A 261 4.90 -2.60 -25.81
C CYS A 261 6.12 -3.43 -25.41
N ARG A 262 7.13 -2.77 -24.83
CA ARG A 262 8.38 -3.43 -24.45
C ARG A 262 8.58 -3.31 -22.96
N VAL A 263 8.86 -4.44 -22.30
CA VAL A 263 9.06 -4.50 -20.86
C VAL A 263 10.48 -4.96 -20.58
N LYS A 264 11.20 -4.22 -19.74
CA LYS A 264 12.52 -4.62 -19.26
C LYS A 264 12.45 -4.79 -17.75
N HIS A 265 13.08 -5.85 -17.25
CA HIS A 265 13.05 -6.12 -15.82
C HIS A 265 14.28 -6.94 -15.47
N SER A 266 14.81 -6.72 -14.26
CA SER A 266 16.02 -7.41 -13.83
C SER A 266 15.89 -8.93 -13.99
N SER A 267 14.70 -9.47 -13.74
CA SER A 267 14.55 -10.92 -13.78
C SER A 267 14.65 -11.50 -15.19
N LEU A 268 14.55 -10.67 -16.22
CA LEU A 268 14.52 -11.17 -17.59
C LEU A 268 15.91 -11.35 -18.20
N GLU A 269 16.95 -10.86 -17.52
CA GLU A 269 18.34 -10.99 -17.97
C GLU A 269 18.50 -10.58 -19.43
N GLY A 270 17.96 -9.39 -19.76
CA GLY A 270 18.08 -8.83 -21.08
C GLY A 270 17.07 -9.32 -22.10
N GLN A 271 16.25 -10.32 -21.76
CA GLN A 271 15.28 -10.86 -22.72
C GLN A 271 13.95 -10.15 -22.53
N ASP A 272 13.86 -8.96 -23.13
CA ASP A 272 12.70 -8.11 -22.93
C ASP A 272 11.43 -8.79 -23.41
N ILE A 273 10.33 -8.51 -22.73
CA ILE A 273 9.01 -8.91 -23.22
C ILE A 273 8.58 -7.89 -24.25
N VAL A 274 8.18 -8.36 -25.43
CA VAL A 274 7.71 -7.47 -26.48
C VAL A 274 6.37 -8.00 -26.99
N LEU A 275 5.34 -7.18 -26.90
CA LEU A 275 4.02 -7.51 -27.41
C LEU A 275 3.64 -6.52 -28.50
N TYR A 276 2.84 -6.97 -29.46
CA TYR A 276 2.54 -6.18 -30.65
C TYR A 276 1.04 -5.89 -30.70
N TRP A 277 0.70 -4.64 -30.97
CA TRP A 277 -0.69 -4.27 -31.17
C TRP A 277 -1.14 -4.86 -32.49
N GLU A 278 -1.88 -5.97 -32.43
CA GLU A 278 -1.96 -6.85 -33.58
C GLU A 278 -3.13 -7.80 -33.40
N GLY A 279 -3.52 -8.45 -34.49
CA GLY A 279 -4.59 -9.43 -34.42
C GLY A 279 -5.93 -8.74 -34.23
N SER A 280 -6.74 -9.28 -33.32
CA SER A 280 -8.07 -8.72 -33.09
C SER A 280 -8.02 -7.34 -32.46
N LEU A 281 -6.87 -6.95 -31.88
CA LEU A 281 -6.74 -5.62 -31.31
C LEU A 281 -6.81 -4.54 -32.37
N VAL A 282 -6.39 -4.84 -33.59
CA VAL A 282 -6.20 -3.82 -34.63
C VAL A 282 -7.55 -3.32 -35.14
N PRO A 283 -8.48 -4.18 -35.63
CA PRO A 283 -8.47 -5.62 -35.92
C PRO A 283 -8.07 -5.92 -37.37
N ARG A 284 -7.47 -7.08 -37.62
CA ARG A 284 -7.04 -7.44 -38.97
C ARG A 284 -8.21 -7.95 -39.79
N GLY A 285 -7.94 -8.25 -41.07
CA GLY A 285 -8.94 -8.76 -41.98
C GLY A 285 -8.63 -10.15 -42.51
N ILE B 2 -8.46 17.81 8.01
CA ILE B 2 -8.70 17.80 6.56
C ILE B 2 -8.93 16.36 6.11
N GLN B 3 -9.90 16.17 5.22
CA GLN B 3 -10.25 14.85 4.74
C GLN B 3 -9.81 14.70 3.29
N ARG B 4 -9.49 13.45 2.92
CA ARG B 4 -8.93 13.14 1.60
C ARG B 4 -9.69 11.98 0.98
N THR B 5 -10.14 12.17 -0.26
CA THR B 5 -11.02 11.18 -0.86
C THR B 5 -10.22 10.03 -1.47
N PRO B 6 -10.77 8.82 -1.46
CA PRO B 6 -9.98 7.67 -1.96
C PRO B 6 -9.77 7.72 -3.46
N LYS B 7 -8.54 7.42 -3.87
CA LYS B 7 -8.30 6.98 -5.24
C LYS B 7 -8.58 5.49 -5.33
N ILE B 8 -9.18 5.06 -6.45
CA ILE B 8 -9.70 3.70 -6.60
C ILE B 8 -9.19 3.14 -7.92
N GLN B 9 -8.42 2.06 -7.88
CA GLN B 9 -7.88 1.43 -9.08
C GLN B 9 -8.19 -0.07 -9.08
N VAL B 10 -8.76 -0.55 -10.18
CA VAL B 10 -9.22 -1.93 -10.32
C VAL B 10 -8.39 -2.62 -11.40
N TYR B 11 -7.92 -3.83 -11.10
CA TYR B 11 -7.05 -4.55 -12.01
C TYR B 11 -7.08 -6.05 -11.68
N SER B 12 -6.78 -6.84 -12.70
CA SER B 12 -6.63 -8.28 -12.51
C SER B 12 -5.15 -8.66 -12.44
N ARG B 13 -4.90 -9.80 -11.82
CA ARG B 13 -3.55 -10.32 -11.68
C ARG B 13 -3.00 -10.87 -13.00
N HIS B 14 -3.86 -11.45 -13.83
CA HIS B 14 -3.49 -12.09 -15.08
C HIS B 14 -4.39 -11.54 -16.17
N PRO B 15 -4.01 -11.70 -17.44
CA PRO B 15 -4.92 -11.31 -18.52
C PRO B 15 -6.21 -12.11 -18.39
N ALA B 16 -7.33 -11.44 -18.68
CA ALA B 16 -8.62 -12.11 -18.56
C ALA B 16 -8.73 -13.21 -19.61
N GLU B 17 -9.00 -14.44 -19.17
CA GLU B 17 -9.33 -15.52 -20.08
C GLU B 17 -10.55 -16.23 -19.53
N ASN B 18 -11.62 -16.27 -20.33
CA ASN B 18 -12.88 -16.83 -19.85
C ASN B 18 -12.66 -18.26 -19.39
N GLY B 19 -13.17 -18.59 -18.20
CA GLY B 19 -13.05 -19.92 -17.67
C GLY B 19 -11.74 -20.22 -16.95
N LYS B 20 -10.81 -19.26 -16.90
CA LYS B 20 -9.55 -19.42 -16.19
C LYS B 20 -9.62 -18.61 -14.90
N SER B 21 -9.34 -19.26 -13.77
CA SER B 21 -9.33 -18.54 -12.51
C SER B 21 -8.23 -17.49 -12.51
N ASN B 22 -8.49 -16.39 -11.81
CA ASN B 22 -7.72 -15.16 -11.86
C ASN B 22 -7.91 -14.49 -10.50
N PHE B 23 -7.33 -13.31 -10.32
CA PHE B 23 -7.56 -12.50 -9.12
C PHE B 23 -7.99 -11.11 -9.54
N LEU B 24 -9.02 -10.60 -8.88
CA LEU B 24 -9.54 -9.26 -9.13
C LEU B 24 -9.11 -8.39 -7.96
N ASN B 25 -8.59 -7.21 -8.26
CA ASN B 25 -7.97 -6.36 -7.25
C ASN B 25 -8.63 -5.00 -7.25
N CYS B 26 -8.79 -4.44 -6.06
CA CYS B 26 -9.21 -3.05 -5.91
C CYS B 26 -8.25 -2.40 -4.94
N TYR B 27 -7.43 -1.48 -5.44
CA TYR B 27 -6.47 -0.76 -4.62
C TYR B 27 -7.02 0.62 -4.30
N VAL B 28 -7.27 0.88 -3.02
CA VAL B 28 -7.84 2.14 -2.57
C VAL B 28 -6.77 2.88 -1.79
N SER B 29 -6.56 4.16 -2.11
CA SER B 29 -5.40 4.83 -1.56
C SER B 29 -5.64 6.34 -1.43
N GLY B 30 -4.77 6.97 -0.65
CA GLY B 30 -4.77 8.41 -0.51
C GLY B 30 -5.90 8.98 0.34
N PHE B 31 -6.55 8.17 1.16
CA PHE B 31 -7.74 8.68 1.83
C PHE B 31 -7.47 8.93 3.31
N HIS B 32 -8.32 9.76 3.90
CA HIS B 32 -8.25 10.10 5.31
C HIS B 32 -9.60 10.70 5.67
N PRO B 33 -10.23 10.26 6.78
CA PRO B 33 -9.75 9.29 7.77
C PRO B 33 -9.84 7.84 7.29
N SER B 34 -9.44 6.89 8.15
CA SER B 34 -9.18 5.52 7.70
C SER B 34 -10.45 4.70 7.53
N ASP B 35 -11.59 5.14 8.08
CA ASP B 35 -12.79 4.33 7.94
C ASP B 35 -13.28 4.36 6.51
N ILE B 36 -13.57 3.18 5.96
CA ILE B 36 -13.90 3.08 4.55
C ILE B 36 -14.60 1.75 4.34
N GLU B 37 -15.48 1.70 3.35
CA GLU B 37 -16.23 0.51 2.98
C GLU B 37 -15.93 0.20 1.53
N VAL B 38 -15.39 -1.00 1.27
CA VAL B 38 -15.02 -1.42 -0.08
C VAL B 38 -15.68 -2.75 -0.34
N ASP B 39 -16.41 -2.84 -1.45
CA ASP B 39 -17.02 -4.08 -1.89
C ASP B 39 -16.61 -4.34 -3.33
N LEU B 40 -16.36 -5.61 -3.64
CA LEU B 40 -16.18 -6.06 -5.01
C LEU B 40 -17.52 -6.58 -5.51
N LEU B 41 -17.85 -6.25 -6.74
CA LEU B 41 -19.16 -6.55 -7.32
C LEU B 41 -19.00 -7.47 -8.52
N LYS B 42 -19.88 -8.45 -8.62
CA LYS B 42 -20.05 -9.25 -9.83
C LYS B 42 -21.46 -9.00 -10.34
N ASN B 43 -21.56 -8.46 -11.55
CA ASN B 43 -22.84 -8.18 -12.19
C ASN B 43 -23.73 -7.34 -11.28
N GLY B 44 -23.11 -6.41 -10.56
CA GLY B 44 -23.81 -5.49 -9.70
C GLY B 44 -24.10 -6.00 -8.31
N GLU B 45 -23.71 -7.23 -7.99
CA GLU B 45 -24.03 -7.82 -6.69
C GLU B 45 -22.76 -8.13 -5.91
N ARG B 46 -22.83 -7.93 -4.60
CA ARG B 46 -21.67 -8.05 -3.72
C ARG B 46 -21.07 -9.46 -3.76
N ILE B 47 -19.76 -9.54 -3.95
CA ILE B 47 -19.03 -10.79 -3.81
C ILE B 47 -18.75 -11.03 -2.32
N GLU B 48 -19.07 -12.23 -1.83
CA GLU B 48 -18.85 -12.52 -0.42
C GLU B 48 -17.42 -12.99 -0.19
N LYS B 49 -16.91 -12.74 1.03
CA LYS B 49 -15.61 -13.25 1.47
C LYS B 49 -14.47 -12.76 0.58
N VAL B 50 -14.39 -11.46 0.42
CA VAL B 50 -13.27 -10.78 -0.22
C VAL B 50 -12.19 -10.53 0.85
N GLU B 51 -10.92 -10.68 0.46
CA GLU B 51 -9.79 -10.43 1.35
C GLU B 51 -9.32 -8.99 1.23
N HIS B 52 -8.59 -8.52 2.25
CA HIS B 52 -7.88 -7.25 2.08
C HIS B 52 -6.59 -7.25 2.89
N SER B 53 -5.64 -6.43 2.45
CA SER B 53 -4.40 -6.24 3.17
C SER B 53 -4.66 -5.52 4.48
N ASP B 54 -3.68 -5.58 5.39
CA ASP B 54 -3.72 -4.79 6.61
C ASP B 54 -3.62 -3.30 6.27
N LEU B 55 -4.43 -2.50 6.93
CA LEU B 55 -4.40 -1.05 6.74
C LEU B 55 -2.99 -0.52 6.96
N SER B 56 -2.56 0.35 6.06
CA SER B 56 -1.26 1.00 6.15
C SER B 56 -1.42 2.44 5.66
N PHE B 57 -0.33 3.20 5.68
CA PHE B 57 -0.38 4.56 5.19
C PHE B 57 0.97 4.93 4.58
N SER B 58 0.93 5.96 3.73
CA SER B 58 2.08 6.45 2.99
C SER B 58 2.82 7.52 3.79
N LYS B 59 3.87 8.07 3.18
CA LYS B 59 4.67 9.10 3.84
C LYS B 59 3.83 10.32 4.18
N ASP B 60 2.90 10.70 3.30
CA ASP B 60 2.02 11.85 3.57
C ASP B 60 0.88 11.52 4.54
N TRP B 61 0.88 10.34 5.15
CA TRP B 61 -0.06 9.88 6.19
C TRP B 61 -1.42 9.47 5.63
N SER B 62 -1.67 9.58 4.33
CA SER B 62 -2.91 9.06 3.77
C SER B 62 -2.87 7.53 3.76
N PHE B 63 -4.04 6.91 3.95
CA PHE B 63 -4.14 5.46 4.09
C PHE B 63 -4.28 4.77 2.74
N TYR B 64 -3.97 3.46 2.73
CA TYR B 64 -4.20 2.64 1.54
C TYR B 64 -4.51 1.19 1.95
N LEU B 65 -5.31 0.52 1.12
CA LEU B 65 -5.68 -0.88 1.30
C LEU B 65 -5.78 -1.55 -0.06
N LEU B 66 -5.51 -2.86 -0.08
CA LEU B 66 -5.74 -3.70 -1.27
C LEU B 66 -6.84 -4.71 -0.93
N TYR B 67 -7.92 -4.70 -1.71
CA TYR B 67 -8.98 -5.71 -1.63
C TYR B 67 -8.87 -6.65 -2.82
N TYR B 68 -9.04 -7.94 -2.59
CA TYR B 68 -8.91 -8.85 -3.72
C TYR B 68 -9.72 -10.13 -3.48
N THR B 69 -9.99 -10.82 -4.57
CA THR B 69 -10.69 -12.08 -4.50
C THR B 69 -10.30 -12.91 -5.72
N GLU B 70 -10.22 -14.22 -5.52
CA GLU B 70 -10.02 -15.13 -6.64
C GLU B 70 -11.34 -15.24 -7.39
N PHE B 71 -11.27 -15.23 -8.71
CA PHE B 71 -12.49 -15.30 -9.49
C PHE B 71 -12.22 -15.95 -10.83
N THR B 72 -13.29 -16.37 -11.49
CA THR B 72 -13.25 -16.95 -12.83
C THR B 72 -14.24 -16.19 -13.71
N PRO B 73 -13.76 -15.32 -14.59
CA PRO B 73 -14.68 -14.57 -15.46
C PRO B 73 -15.25 -15.45 -16.57
N THR B 74 -16.47 -15.12 -16.97
CA THR B 74 -17.04 -15.59 -18.23
C THR B 74 -17.36 -14.38 -19.10
N GLU B 75 -17.70 -14.67 -20.37
CA GLU B 75 -17.98 -13.60 -21.33
C GLU B 75 -19.10 -12.68 -20.85
N LYS B 76 -20.09 -13.20 -20.14
CA LYS B 76 -21.27 -12.44 -19.80
C LYS B 76 -21.14 -11.64 -18.50
N ASP B 77 -20.01 -11.72 -17.82
CA ASP B 77 -19.86 -11.11 -16.50
C ASP B 77 -19.11 -9.79 -16.59
N GLU B 78 -19.54 -8.83 -15.77
CA GLU B 78 -18.81 -7.59 -15.54
C GLU B 78 -18.57 -7.45 -14.04
N TYR B 79 -17.42 -6.90 -13.69
CA TYR B 79 -17.01 -6.76 -12.30
C TYR B 79 -16.70 -5.29 -12.02
N ALA B 80 -16.72 -4.93 -10.73
CA ALA B 80 -16.49 -3.56 -10.33
C ALA B 80 -16.04 -3.51 -8.88
N CYS B 81 -15.60 -2.32 -8.47
CA CYS B 81 -15.27 -2.01 -7.08
C CYS B 81 -16.14 -0.85 -6.62
N ARG B 82 -16.85 -1.02 -5.50
CA ARG B 82 -17.73 -0.02 -4.92
C ARG B 82 -17.13 0.47 -3.60
N VAL B 83 -16.92 1.77 -3.48
CA VAL B 83 -16.23 2.37 -2.34
C VAL B 83 -17.14 3.42 -1.71
N ASN B 84 -17.25 3.40 -0.39
CA ASN B 84 -17.91 4.48 0.34
C ASN B 84 -16.93 5.01 1.38
N HIS B 85 -16.99 6.33 1.59
CA HIS B 85 -16.08 7.06 2.45
C HIS B 85 -16.78 8.35 2.87
N VAL B 86 -16.33 8.92 3.99
CA VAL B 86 -16.99 10.11 4.50
C VAL B 86 -16.96 11.25 3.48
N THR B 87 -15.97 11.24 2.59
CA THR B 87 -15.81 12.28 1.58
C THR B 87 -16.76 12.12 0.40
N LEU B 88 -17.51 11.01 0.33
CA LEU B 88 -18.32 10.66 -0.83
C LEU B 88 -19.80 10.83 -0.49
N SER B 89 -20.50 11.66 -1.28
CA SER B 89 -21.94 11.81 -1.13
C SER B 89 -22.66 10.47 -1.25
N GLN B 90 -22.16 9.58 -2.10
CA GLN B 90 -22.73 8.26 -2.30
C GLN B 90 -21.65 7.35 -2.84
N PRO B 91 -21.80 6.04 -2.72
CA PRO B 91 -20.70 5.13 -3.07
C PRO B 91 -20.29 5.25 -4.54
N LYS B 92 -18.97 5.26 -4.76
CA LYS B 92 -18.38 5.38 -6.08
C LYS B 92 -18.08 3.99 -6.63
N ILE B 93 -18.53 3.72 -7.86
CA ILE B 93 -18.36 2.42 -8.50
C ILE B 93 -17.34 2.58 -9.63
N VAL B 94 -16.27 1.79 -9.59
CA VAL B 94 -15.25 1.76 -10.65
C VAL B 94 -15.26 0.36 -11.29
N LYS B 95 -15.45 0.32 -12.60
CA LYS B 95 -15.53 -0.95 -13.31
C LYS B 95 -14.15 -1.59 -13.50
N TRP B 96 -14.12 -2.92 -13.57
CA TRP B 96 -12.99 -3.62 -14.13
C TRP B 96 -13.04 -3.46 -15.65
N ASP B 97 -12.06 -2.77 -16.24
CA ASP B 97 -12.00 -2.57 -17.68
C ASP B 97 -11.25 -3.75 -18.30
N ARG B 98 -11.97 -4.66 -18.92
CA ARG B 98 -11.35 -5.71 -19.70
C ARG B 98 -11.89 -5.67 -21.12
N ASP B 99 -11.09 -6.17 -22.05
CA ASP B 99 -11.51 -6.29 -23.44
C ASP B 99 -12.32 -7.56 -23.65
N MET B 100 -13.39 -7.44 -24.42
CA MET B 100 -14.14 -8.61 -24.88
C MET B 100 -13.53 -9.26 -26.11
N GLY B 101 -12.60 -8.58 -26.78
CA GLY B 101 -12.07 -9.05 -28.04
C GLY B 101 -12.76 -8.43 -29.23
N SER B 102 -12.69 -9.14 -30.35
CA SER B 102 -13.38 -8.69 -31.57
C SER B 102 -14.88 -8.61 -31.33
N LEU B 103 -15.47 -7.48 -31.71
CA LEU B 103 -16.91 -7.29 -31.52
C LEU B 103 -17.70 -7.92 -32.67
N VAL B 104 -17.53 -7.38 -33.87
CA VAL B 104 -18.34 -7.76 -35.03
C VAL B 104 -17.74 -9.01 -35.68
N PRO B 105 -18.55 -10.06 -35.94
CA PRO B 105 -18.11 -11.26 -36.65
C PRO B 105 -17.56 -10.96 -38.04
O1 FO4 C . 4.81 4.13 29.39
N FO4 C . 3.93 6.25 29.04
C1 FO4 C . 2.51 8.29 28.83
O5 FO4 C . 3.33 7.36 34.25
P FO4 C . 4.53 7.87 33.49
O3 FO4 C . 4.66 9.36 33.69
O4 FO4 C . 5.93 7.11 34.02
C42 FO4 C . 5.84 5.84 34.68
C43 FO4 C . 6.27 6.01 36.15
N1 FO4 C . 6.15 4.78 36.95
C46 FO4 C . 5.66 5.13 38.26
C45 FO4 C . 7.44 4.15 37.07
C44 FO4 C . 5.22 3.83 36.33
O2 FO4 C . 4.35 7.54 31.87
C41 FO4 C . 3.96 6.24 31.49
C16 FO4 C . 3.10 6.32 30.23
C FO4 C . 2.33 7.64 30.21
O FO4 C . 0.97 7.40 30.43
C2 FO4 C . 1.46 8.68 28.09
C3 FO4 C . 1.72 9.33 26.73
C4 FO4 C . 0.38 9.74 26.07
C5 FO4 C . 0.61 9.91 24.54
C6 FO4 C . 0.81 8.53 23.87
C7 FO4 C . 2.03 8.55 22.93
C8 FO4 C . 1.59 8.04 21.53
C9 FO4 C . 2.73 7.21 20.91
C10 FO4 C . 2.36 5.72 20.98
C11 FO4 C . 3.33 4.89 20.12
C12 FO4 C . 3.11 3.41 20.41
C13 FO4 C . 4.16 2.59 19.67
C14 FO4 C . 3.58 1.24 19.27
C15 FO4 C . 4.01 0.90 17.84
C17 FO4 C . 4.77 5.09 28.70
C18 FO4 C . 5.58 5.17 27.40
C19 FO4 C . 5.09 6.39 26.61
C20 FO4 C . 4.71 5.96 25.17
C21 FO4 C . 5.91 6.23 24.23
C22 FO4 C . 5.55 5.78 22.80
C23 FO4 C . 6.79 5.88 21.88
C24 FO4 C . 7.29 4.46 21.57
C25 FO4 C . 7.76 4.39 20.10
C26 FO4 C . 8.00 2.92 19.69
C27 FO4 C . 9.28 2.80 18.85
C28 FO4 C . 9.28 1.43 18.16
C29 FO4 C . 10.61 1.18 17.42
C30 FO4 C . 10.78 -0.36 17.29
C31 FO4 C . 12.15 -0.70 16.67
C32 FO4 C . 12.53 -1.98 16.60
C33 FO4 C . 11.58 -3.08 17.12
C34 FO4 C . 11.93 -4.42 16.43
C35 FO4 C . 10.75 -5.42 16.55
C36 FO4 C . 9.41 -4.68 16.59
C37 FO4 C . 8.30 -5.54 15.99
C38 FO4 C . 6.94 -4.88 16.21
C39 FO4 C . 5.86 -5.64 15.45
C40 FO4 C . 4.52 -4.95 15.53
O1 MES D . 7.47 12.76 8.88
C2 MES D . 6.79 11.91 7.96
C3 MES D . 7.03 12.31 6.51
N4 MES D . 6.63 13.71 6.47
C5 MES D . 7.29 14.66 7.32
C6 MES D . 8.17 13.88 8.30
C7 MES D . 5.98 14.18 5.25
C8 MES D . 4.88 15.15 5.69
S MES D . 3.82 15.37 4.42
O1S MES D . 4.36 14.69 3.21
O2S MES D . 3.66 16.81 4.15
O3S MES D . 2.51 14.79 4.76
#